data_6U1P
#
_entry.id   6U1P
#
_cell.length_a   80.323
_cell.length_b   80.323
_cell.length_c   105.053
_cell.angle_alpha   90.000
_cell.angle_beta   90.000
_cell.angle_gamma   90.000
#
_symmetry.space_group_name_H-M   'I 41'
#
loop_
_entity.id
_entity.type
_entity.pdbx_description
1 polymer 'Low molecular weight phosphotyrosine protein phosphatase'
2 non-polymer GLYCEROL
3 water water
#
_entity_poly.entity_id   1
_entity_poly.type   'polypeptide(L)'
_entity_poly.pdbx_seq_one_letter_code
;MKVKGLSVLVVCTGNLCRSPMAEIILRDKIRQKRLNIQVRSAGTLKTGKTMPDDKALQALQDYGYHPMVNPVQQVTQQDF
IEHDFIYAMDRTNLADLLDICPAEHKNKLALFLSKANRQEKEVPDPYRRSSEFFQRTALLIESGAVALVDSWQEQGINAC
NENLSQ
;
_entity_poly.pdbx_strand_id   A,B
#
loop_
_chem_comp.id
_chem_comp.type
_chem_comp.name
_chem_comp.formula
GOL non-polymer GLYCEROL 'C3 H8 O3'
#
# COMPACT_ATOMS: atom_id res chain seq x y z
N GLY A 5 -24.26 26.65 10.64
CA GLY A 5 -24.32 25.26 11.06
C GLY A 5 -23.05 24.77 11.74
N LEU A 6 -22.97 23.45 11.97
CA LEU A 6 -21.81 22.81 12.58
C LEU A 6 -20.73 22.55 11.54
N SER A 7 -19.46 22.67 11.94
CA SER A 7 -18.34 22.45 11.04
C SER A 7 -17.34 21.52 11.71
N VAL A 8 -16.99 20.42 11.02
CA VAL A 8 -16.18 19.35 11.59
C VAL A 8 -14.95 19.13 10.72
N LEU A 9 -13.79 18.99 11.37
CA LEU A 9 -12.52 18.67 10.71
C LEU A 9 -11.98 17.35 11.25
N VAL A 10 -11.52 16.48 10.36
CA VAL A 10 -10.90 15.20 10.73
C VAL A 10 -9.47 15.22 10.18
N VAL A 11 -8.52 14.70 10.97
CA VAL A 11 -7.10 14.96 10.71
C VAL A 11 -6.28 13.68 10.83
N CYS A 12 -5.44 13.40 9.84
CA CYS A 12 -4.41 12.38 9.95
C CYS A 12 -3.07 13.05 9.62
N THR A 13 -2.04 12.23 9.40
CA THR A 13 -0.71 12.79 9.12
C THR A 13 -0.60 13.39 7.72
N GLY A 14 -0.94 12.63 6.68
CA GLY A 14 -0.73 13.14 5.35
C GLY A 14 -2.01 13.58 4.63
N ASN A 15 -3.17 13.39 5.27
CA ASN A 15 -4.49 13.66 4.61
C ASN A 15 -4.62 12.81 3.35
N LEU A 16 -4.01 11.62 3.34
CA LEU A 16 -4.02 10.75 2.17
C LEU A 16 -4.94 9.55 2.31
N CYS A 17 -5.17 9.07 3.53
CA CYS A 17 -5.89 7.80 3.70
C CYS A 17 -7.00 7.91 4.73
N ARG A 18 -6.63 7.88 6.02
CA ARG A 18 -7.64 7.81 7.07
C ARG A 18 -8.57 9.02 7.01
N SER A 19 -8.01 10.24 7.08
CA SER A 19 -8.89 11.41 7.21
C SER A 19 -9.78 11.63 5.97
N PRO A 20 -9.30 11.50 4.72
CA PRO A 20 -10.25 11.63 3.59
C PRO A 20 -11.28 10.52 3.58
N MET A 21 -10.90 9.31 3.99
CA MET A 21 -11.92 8.27 4.10
C MET A 21 -13.00 8.69 5.08
N ALA A 22 -12.58 9.18 6.25
CA ALA A 22 -13.55 9.63 7.22
C ALA A 22 -14.37 10.80 6.67
N GLU A 23 -13.75 11.73 5.94
CA GLU A 23 -14.54 12.84 5.42
C GLU A 23 -15.66 12.33 4.54
N ILE A 24 -15.33 11.42 3.63
CA ILE A 24 -16.31 10.90 2.69
C ILE A 24 -17.40 10.09 3.39
N ILE A 25 -17.01 9.26 4.35
CA ILE A 25 -18.02 8.46 5.05
C ILE A 25 -18.92 9.37 5.89
N LEU A 26 -18.32 10.33 6.60
CA LEU A 26 -19.11 11.26 7.39
C LEU A 26 -20.07 12.05 6.50
N ARG A 27 -19.56 12.60 5.40
CA ARG A 27 -20.44 13.34 4.52
C ARG A 27 -21.64 12.49 4.09
N ASP A 28 -21.42 11.22 3.75
CA ASP A 28 -22.55 10.37 3.34
C ASP A 28 -23.57 10.23 4.47
N LYS A 29 -23.12 9.97 5.69
CA LYS A 29 -24.05 9.78 6.79
C LYS A 29 -24.76 11.07 7.18
N ILE A 30 -24.07 12.21 7.06
CA ILE A 30 -24.71 13.49 7.32
C ILE A 30 -25.81 13.76 6.29
N ARG A 31 -25.53 13.49 5.01
CA ARG A 31 -26.54 13.78 3.99
C ARG A 31 -27.68 12.77 4.05
N GLN A 32 -27.41 11.55 4.51
CA GLN A 32 -28.46 10.55 4.67
C GLN A 32 -29.56 11.02 5.61
N LYS A 33 -29.18 11.78 6.65
CA LYS A 33 -30.13 12.33 7.62
C LYS A 33 -30.42 13.82 7.39
N ARG A 34 -29.90 14.40 6.31
CA ARG A 34 -30.03 15.82 5.99
C ARG A 34 -29.74 16.71 7.20
N LEU A 35 -28.63 16.44 7.86
CA LEU A 35 -28.21 17.29 8.96
C LEU A 35 -27.44 18.49 8.41
N ASN A 36 -27.45 19.59 9.16
CA ASN A 36 -26.73 20.79 8.75
C ASN A 36 -25.32 20.77 9.35
N ILE A 37 -24.51 19.89 8.80
CA ILE A 37 -23.14 19.71 9.25
C ILE A 37 -22.22 19.69 8.04
N GLN A 38 -21.13 20.43 8.10
CA GLN A 38 -20.10 20.36 7.08
C GLN A 38 -18.92 19.57 7.63
N VAL A 39 -18.20 18.91 6.73
CA VAL A 39 -17.09 18.08 7.14
C VAL A 39 -15.97 18.32 6.15
N ARG A 40 -14.76 18.44 6.67
CA ARG A 40 -13.56 18.53 5.85
C ARG A 40 -12.48 17.69 6.51
N SER A 41 -11.36 17.54 5.82
CA SER A 41 -10.25 16.77 6.36
C SER A 41 -8.98 17.50 6.04
N ALA A 42 -7.92 17.20 6.79
CA ALA A 42 -6.65 17.89 6.62
C ALA A 42 -5.55 17.04 7.24
N GLY A 43 -4.30 17.35 6.89
CA GLY A 43 -3.16 16.62 7.41
C GLY A 43 -2.23 17.54 8.21
N THR A 44 -1.54 16.95 9.19
CA THR A 44 -0.58 17.72 9.98
C THR A 44 0.68 18.01 9.18
N LEU A 45 1.02 17.16 8.21
CA LEU A 45 2.30 17.25 7.53
C LEU A 45 2.10 17.67 6.09
N LYS A 46 2.83 18.69 5.66
CA LYS A 46 2.79 19.14 4.28
C LYS A 46 3.51 18.13 3.39
N THR A 47 2.75 17.40 2.59
CA THR A 47 3.33 16.65 1.48
C THR A 47 3.05 17.38 0.18
N GLY A 48 3.69 16.91 -0.89
CA GLY A 48 3.48 17.52 -2.17
C GLY A 48 2.27 17.06 -2.93
N LYS A 49 1.49 16.14 -2.37
CA LYS A 49 0.49 15.45 -3.17
C LYS A 49 -0.76 16.29 -3.32
N THR A 50 -1.50 16.02 -4.39
CA THR A 50 -2.70 16.77 -4.73
C THR A 50 -3.99 16.08 -4.30
N MET A 51 -4.10 14.78 -4.52
CA MET A 51 -5.28 13.97 -4.24
C MET A 51 -4.92 12.84 -3.28
N PRO A 52 -5.90 12.30 -2.56
CA PRO A 52 -5.65 11.14 -1.70
C PRO A 52 -5.31 9.88 -2.48
N ASP A 53 -4.89 8.87 -1.70
CA ASP A 53 -4.42 7.59 -2.21
C ASP A 53 -5.50 6.80 -2.95
N ASP A 54 -5.10 6.24 -4.10
CA ASP A 54 -6.00 5.44 -4.92
C ASP A 54 -6.63 4.29 -4.13
N LYS A 55 -5.85 3.63 -3.27
CA LYS A 55 -6.44 2.48 -2.59
C LYS A 55 -7.31 2.91 -1.41
N ALA A 56 -7.13 4.11 -0.86
CA ALA A 56 -8.16 4.62 0.04
C ALA A 56 -9.50 4.74 -0.69
N LEU A 57 -9.46 5.29 -1.91
CA LEU A 57 -10.71 5.55 -2.63
C LEU A 57 -11.36 4.25 -3.06
N GLN A 58 -10.55 3.29 -3.52
CA GLN A 58 -11.10 2.03 -4.00
C GLN A 58 -11.69 1.25 -2.85
N ALA A 59 -11.04 1.31 -1.69
CA ALA A 59 -11.61 0.67 -0.51
C ALA A 59 -12.97 1.28 -0.16
N LEU A 60 -13.13 2.58 -0.38
CA LEU A 60 -14.45 3.19 -0.18
C LEU A 60 -15.46 2.66 -1.18
N GLN A 61 -15.05 2.55 -2.45
CA GLN A 61 -15.94 2.00 -3.46
C GLN A 61 -16.32 0.56 -3.13
N ASP A 62 -15.37 -0.22 -2.62
CA ASP A 62 -15.65 -1.62 -2.30
C ASP A 62 -16.81 -1.74 -1.32
N TYR A 63 -17.01 -0.74 -0.46
CA TYR A 63 -18.10 -0.75 0.49
C TYR A 63 -19.28 0.11 0.05
N GLY A 64 -19.35 0.47 -1.23
CA GLY A 64 -20.50 1.18 -1.73
C GLY A 64 -20.51 2.69 -1.51
N TYR A 65 -19.44 3.29 -1.02
CA TYR A 65 -19.39 4.74 -0.95
C TYR A 65 -18.87 5.30 -2.26
N HIS A 66 -19.42 6.44 -2.65
CA HIS A 66 -18.96 7.11 -3.85
C HIS A 66 -17.92 8.15 -3.47
N PRO A 67 -16.67 7.93 -3.74
CA PRO A 67 -15.63 8.86 -3.25
C PRO A 67 -15.48 10.12 -4.10
N MET A 68 -16.28 11.15 -3.81
CA MET A 68 -16.06 12.46 -4.40
C MET A 68 -15.17 13.26 -3.44
N VAL A 69 -14.04 13.74 -3.95
CA VAL A 69 -12.86 13.98 -3.13
C VAL A 69 -12.39 15.44 -3.23
N ASN A 70 -12.16 16.06 -2.06
CA ASN A 70 -11.50 17.34 -2.01
C ASN A 70 -9.98 17.16 -2.19
N PRO A 71 -9.29 18.17 -2.69
CA PRO A 71 -7.83 18.10 -2.70
C PRO A 71 -7.27 17.95 -1.29
N VAL A 72 -6.13 17.26 -1.21
CA VAL A 72 -5.32 17.19 0.00
C VAL A 72 -5.03 18.61 0.51
N GLN A 73 -5.07 18.80 1.81
CA GLN A 73 -4.66 20.09 2.37
C GLN A 73 -4.03 19.88 3.74
N GLN A 74 -3.15 20.81 4.12
CA GLN A 74 -2.54 20.80 5.44
C GLN A 74 -3.38 21.64 6.39
N VAL A 75 -3.43 21.20 7.66
CA VAL A 75 -4.16 21.95 8.67
C VAL A 75 -3.52 23.33 8.86
N THR A 76 -4.35 24.33 9.13
CA THR A 76 -3.94 25.71 9.34
C THR A 76 -4.44 26.21 10.69
N GLN A 77 -3.97 27.41 11.08
CA GLN A 77 -4.45 28.03 12.31
C GLN A 77 -5.91 28.44 12.18
N GLN A 78 -6.31 28.89 10.99
CA GLN A 78 -7.73 29.20 10.78
C GLN A 78 -8.59 27.96 11.03
N ASP A 79 -8.04 26.75 10.83
CA ASP A 79 -8.83 25.55 11.08
C ASP A 79 -9.24 25.45 12.55
N PHE A 80 -8.31 25.76 13.46
CA PHE A 80 -8.63 25.71 14.89
C PHE A 80 -9.66 26.76 15.29
N ILE A 81 -9.76 27.85 14.56
CA ILE A 81 -10.79 28.82 14.93
C ILE A 81 -12.10 28.53 14.19
N GLU A 82 -12.03 28.21 12.90
CA GLU A 82 -13.22 28.07 12.09
C GLU A 82 -14.05 26.83 12.45
N HIS A 83 -13.43 25.77 12.92
CA HIS A 83 -14.14 24.50 13.10
C HIS A 83 -14.66 24.31 14.52
N ASP A 84 -15.81 23.64 14.64
CA ASP A 84 -16.39 23.36 15.95
C ASP A 84 -15.77 22.13 16.62
N PHE A 85 -15.52 21.07 15.86
CA PHE A 85 -14.83 19.89 16.37
C PHE A 85 -13.79 19.43 15.38
N ILE A 86 -12.71 18.88 15.93
CA ILE A 86 -11.52 18.49 15.19
C ILE A 86 -11.11 17.11 15.71
N TYR A 87 -11.10 16.12 14.84
CA TYR A 87 -10.88 14.74 15.25
C TYR A 87 -9.56 14.26 14.69
N ALA A 88 -8.76 13.65 15.56
CA ALA A 88 -7.51 13.05 15.15
C ALA A 88 -7.74 11.55 15.00
N MET A 89 -7.18 10.98 13.94
CA MET A 89 -7.42 9.57 13.71
C MET A 89 -6.66 8.72 14.74
N ASP A 90 -5.50 9.18 15.23
CA ASP A 90 -4.73 8.42 16.21
C ASP A 90 -4.00 9.38 17.16
N ARG A 91 -3.32 8.82 18.17
CA ARG A 91 -2.69 9.66 19.19
C ARG A 91 -1.58 10.50 18.60
N THR A 92 -0.84 9.97 17.62
CA THR A 92 0.21 10.76 16.98
C THR A 92 -0.38 12.01 16.33
N ASN A 93 -1.54 11.87 15.70
CA ASN A 93 -2.21 13.04 15.12
C ASN A 93 -2.65 14.00 16.21
N LEU A 94 -3.25 13.47 17.28
CA LEU A 94 -3.72 14.33 18.37
C LEU A 94 -2.54 15.07 19.02
N ALA A 95 -1.38 14.41 19.13
CA ALA A 95 -0.21 15.05 19.72
C ALA A 95 0.29 16.19 18.86
N ASP A 96 0.37 15.96 17.54
CA ASP A 96 0.82 17.00 16.62
C ASP A 96 -0.16 18.16 16.58
N LEU A 97 -1.45 17.89 16.77
CA LEU A 97 -2.44 18.97 16.82
C LEU A 97 -2.34 19.75 18.12
N LEU A 98 -2.23 19.05 19.25
CA LEU A 98 -2.06 19.75 20.52
C LEU A 98 -0.83 20.64 20.51
N ASP A 99 0.24 20.21 19.83
CA ASP A 99 1.46 21.00 19.77
C ASP A 99 1.23 22.40 19.20
N ILE A 100 0.28 22.57 18.28
CA ILE A 100 0.11 23.82 17.54
C ILE A 100 -1.27 24.42 17.71
N CYS A 101 -2.11 23.82 18.56
CA CYS A 101 -3.44 24.34 18.79
C CYS A 101 -3.38 25.37 19.91
N PRO A 102 -3.84 26.61 19.69
CA PRO A 102 -3.85 27.59 20.78
C PRO A 102 -4.68 27.09 21.94
N ALA A 103 -4.22 27.41 23.16
CA ALA A 103 -4.81 26.81 24.35
C ALA A 103 -6.29 27.09 24.47
N GLU A 104 -6.76 28.22 23.91
CA GLU A 104 -8.20 28.53 23.90
C GLU A 104 -9.02 27.50 23.11
N HIS A 105 -8.41 26.74 22.21
CA HIS A 105 -9.18 25.86 21.34
C HIS A 105 -8.90 24.38 21.55
N LYS A 106 -8.08 24.00 22.53
CA LYS A 106 -7.72 22.60 22.71
C LYS A 106 -8.90 21.75 23.15
N ASN A 107 -9.98 22.37 23.67
CA ASN A 107 -11.16 21.60 24.04
C ASN A 107 -11.90 21.09 22.82
N LYS A 108 -11.60 21.59 21.62
CA LYS A 108 -12.22 21.08 20.41
C LYS A 108 -11.54 19.82 19.87
N LEU A 109 -10.47 19.34 20.50
CA LEU A 109 -9.72 18.21 19.95
C LEU A 109 -10.19 16.91 20.60
N ALA A 110 -10.27 15.85 19.80
CA ALA A 110 -10.66 14.53 20.30
C ALA A 110 -10.23 13.45 19.30
N LEU A 111 -10.12 12.21 19.79
CA LEU A 111 -9.84 11.08 18.92
C LEU A 111 -11.08 10.75 18.07
N PHE A 112 -10.83 10.36 16.82
CA PHE A 112 -11.95 10.08 15.92
C PHE A 112 -12.92 9.05 16.52
N LEU A 113 -12.37 8.01 17.16
CA LEU A 113 -13.14 6.91 17.73
C LEU A 113 -13.67 7.16 19.13
N SER A 114 -13.61 8.41 19.62
CA SER A 114 -13.93 8.68 21.02
C SER A 114 -15.39 8.36 21.37
N LYS A 115 -16.29 8.34 20.39
CA LYS A 115 -17.67 8.01 20.70
C LYS A 115 -18.04 6.57 20.36
N ALA A 116 -17.17 5.83 19.69
CA ALA A 116 -17.43 4.44 19.39
C ALA A 116 -17.11 3.65 20.64
N ASN A 117 -18.08 2.91 21.14
CA ASN A 117 -17.87 2.25 22.43
C ASN A 117 -17.12 0.94 22.24
N ARG A 118 -15.87 1.04 21.78
CA ARG A 118 -15.02 -0.10 21.40
C ARG A 118 -13.71 -0.06 22.15
N GLN A 119 -13.00 -1.20 22.11
CA GLN A 119 -11.61 -1.18 22.59
C GLN A 119 -10.77 -0.16 21.80
N GLU A 120 -10.85 -0.23 20.47
CA GLU A 120 -9.99 0.59 19.63
C GLU A 120 -10.30 2.05 19.86
N LYS A 121 -9.28 2.81 20.22
CA LYS A 121 -9.38 4.26 20.33
C LYS A 121 -8.68 5.00 19.21
N GLU A 122 -7.76 4.32 18.51
CA GLU A 122 -7.04 4.85 17.38
C GLU A 122 -7.35 4.06 16.12
N VAL A 123 -7.45 4.73 14.98
CA VAL A 123 -7.49 4.07 13.68
C VAL A 123 -6.05 3.84 13.23
N PRO A 124 -5.57 2.59 13.13
CA PRO A 124 -4.15 2.36 12.76
C PRO A 124 -3.90 2.80 11.33
N ASP A 125 -2.69 3.26 11.08
CA ASP A 125 -2.29 3.81 9.79
C ASP A 125 -2.08 2.70 8.76
N PRO A 126 -2.91 2.63 7.70
CA PRO A 126 -2.71 1.56 6.71
C PRO A 126 -1.37 1.67 6.01
N TYR A 127 -0.84 2.87 5.86
CA TYR A 127 0.43 3.07 5.18
C TYR A 127 1.58 2.45 5.95
N ARG A 128 1.58 2.59 7.28
CA ARG A 128 2.68 1.99 8.03
C ARG A 128 2.60 0.47 8.01
N ARG A 129 1.40 -0.10 8.16
CA ARG A 129 1.25 -1.54 8.02
C ARG A 129 1.71 -2.00 6.64
N SER A 130 1.26 -1.31 5.60
CA SER A 130 1.67 -1.68 4.25
C SER A 130 3.19 -1.68 4.12
N SER A 131 3.84 -0.62 4.61
CA SER A 131 5.30 -0.52 4.56
C SER A 131 5.96 -1.70 5.27
N GLU A 132 5.42 -2.08 6.44
CA GLU A 132 5.92 -3.25 7.13
C GLU A 132 5.85 -4.48 6.26
N PHE A 133 4.75 -4.64 5.52
CA PHE A 133 4.59 -5.88 4.78
C PHE A 133 5.50 -5.94 3.57
N PHE A 134 5.72 -4.81 2.90
CA PHE A 134 6.68 -4.78 1.80
C PHE A 134 8.08 -5.10 2.30
N GLN A 135 8.44 -4.61 3.49
CA GLN A 135 9.74 -4.98 4.06
C GLN A 135 9.84 -6.48 4.30
N ARG A 136 8.80 -7.08 4.88
CA ARG A 136 8.90 -8.52 5.10
C ARG A 136 8.80 -9.23 3.75
N THR A 137 8.10 -8.67 2.77
CA THR A 137 8.10 -9.30 1.45
C THR A 137 9.50 -9.31 0.86
N ALA A 138 10.21 -8.19 0.97
CA ALA A 138 11.59 -8.12 0.49
C ALA A 138 12.46 -9.15 1.17
N LEU A 139 12.34 -9.32 2.50
CA LEU A 139 13.20 -10.29 3.18
C LEU A 139 12.94 -11.70 2.68
N LEU A 140 11.67 -12.06 2.47
CA LEU A 140 11.40 -13.39 1.93
C LEU A 140 11.99 -13.55 0.54
N ILE A 141 11.90 -12.50 -0.28
CA ILE A 141 12.49 -12.56 -1.62
C ILE A 141 14.01 -12.68 -1.54
N GLU A 142 14.63 -11.91 -0.64
CA GLU A 142 16.09 -11.95 -0.52
C GLU A 142 16.59 -13.35 -0.17
N SER A 143 15.95 -14.00 0.82
CA SER A 143 16.34 -15.37 1.17
C SER A 143 16.16 -16.30 -0.01
N GLY A 144 15.07 -16.13 -0.76
CA GLY A 144 14.92 -16.92 -1.98
C GLY A 144 16.05 -16.66 -2.94
N ALA A 145 16.41 -15.39 -3.14
CA ALA A 145 17.47 -15.04 -4.07
C ALA A 145 18.79 -15.69 -3.69
N VAL A 146 19.13 -15.69 -2.39
CA VAL A 146 20.40 -16.26 -1.96
C VAL A 146 20.48 -17.73 -2.35
N ALA A 147 19.40 -18.48 -2.14
CA ALA A 147 19.38 -19.90 -2.51
C ALA A 147 19.57 -20.08 -4.00
N LEU A 148 18.87 -19.28 -4.81
CA LEU A 148 19.02 -19.37 -6.26
C LEU A 148 20.45 -19.12 -6.68
N VAL A 149 21.10 -18.12 -6.09
CA VAL A 149 22.48 -17.82 -6.47
C VAL A 149 23.38 -19.02 -6.17
N ASP A 150 23.14 -19.70 -5.05
CA ASP A 150 23.95 -20.85 -4.68
C ASP A 150 23.84 -21.98 -5.71
N SER A 151 22.62 -22.43 -6.00
CA SER A 151 22.45 -23.55 -6.92
C SER A 151 23.12 -23.28 -8.26
N TRP A 152 23.10 -22.03 -8.71
CA TRP A 152 23.75 -21.70 -9.98
C TRP A 152 25.25 -21.89 -9.92
N GLN A 153 25.88 -21.49 -8.81
CA GLN A 153 27.32 -21.64 -8.66
C GLN A 153 27.65 -23.03 -8.11
N GLY B 5 26.15 -15.19 -21.54
CA GLY B 5 25.91 -15.72 -20.22
C GLY B 5 24.53 -16.31 -20.01
N LEU B 6 24.22 -16.64 -18.76
CA LEU B 6 22.93 -17.20 -18.40
C LEU B 6 21.87 -16.11 -18.34
N SER B 7 20.63 -16.49 -18.65
CA SER B 7 19.51 -15.57 -18.70
C SER B 7 18.40 -16.07 -17.78
N VAL B 8 17.99 -15.22 -16.84
CA VAL B 8 16.99 -15.56 -15.84
C VAL B 8 15.87 -14.54 -15.91
N LEU B 9 14.63 -15.00 -15.92
CA LEU B 9 13.48 -14.11 -15.88
C LEU B 9 12.66 -14.41 -14.62
N VAL B 10 12.20 -13.36 -13.93
CA VAL B 10 11.36 -13.48 -12.74
C VAL B 10 10.02 -12.81 -13.02
N VAL B 11 8.93 -13.44 -12.59
CA VAL B 11 7.59 -13.06 -13.03
C VAL B 11 6.64 -13.05 -11.84
N CYS B 12 5.94 -11.94 -11.67
CA CYS B 12 4.78 -11.90 -10.78
C CYS B 12 3.56 -11.47 -11.59
N THR B 13 2.44 -11.06 -10.97
CA THR B 13 1.25 -10.74 -11.75
C THR B 13 1.41 -9.45 -12.59
N GLY B 14 1.77 -8.33 -11.96
CA GLY B 14 1.79 -7.04 -12.65
C GLY B 14 3.18 -6.45 -12.94
N ASN B 15 4.23 -7.15 -12.55
CA ASN B 15 5.60 -6.67 -12.64
C ASN B 15 5.76 -5.36 -11.87
N LEU B 16 5.00 -5.17 -10.79
CA LEU B 16 5.05 -3.91 -10.05
C LEU B 16 5.81 -4.00 -8.72
N CYS B 17 5.83 -5.16 -8.07
CA CYS B 17 6.38 -5.25 -6.72
C CYS B 17 7.37 -6.41 -6.60
N ARG B 18 6.83 -7.63 -6.52
CA ARG B 18 7.59 -8.82 -6.22
C ARG B 18 8.69 -9.09 -7.26
N SER B 19 8.30 -9.22 -8.54
CA SER B 19 9.34 -9.62 -9.50
C SER B 19 10.39 -8.51 -9.68
N PRO B 20 10.03 -7.21 -9.70
CA PRO B 20 11.10 -6.19 -9.77
C PRO B 20 12.00 -6.21 -8.55
N MET B 21 11.44 -6.48 -7.37
CA MET B 21 12.28 -6.66 -6.18
C MET B 21 13.28 -7.79 -6.38
N ALA B 22 12.82 -8.94 -6.89
CA ALA B 22 13.73 -10.06 -7.10
C ALA B 22 14.81 -9.73 -8.11
N GLU B 23 14.44 -9.02 -9.19
CA GLU B 23 15.43 -8.65 -10.21
C GLU B 23 16.56 -7.83 -9.61
N ILE B 24 16.20 -6.81 -8.83
CA ILE B 24 17.19 -5.93 -8.25
C ILE B 24 18.06 -6.68 -7.27
N ILE B 25 17.44 -7.53 -6.44
CA ILE B 25 18.18 -8.28 -5.44
C ILE B 25 19.07 -9.33 -6.11
N LEU B 26 18.53 -10.06 -7.08
CA LEU B 26 19.35 -11.03 -7.80
C LEU B 26 20.54 -10.36 -8.47
N ARG B 27 20.27 -9.27 -9.20
CA ARG B 27 21.34 -8.58 -9.92
C ARG B 27 22.50 -8.23 -8.97
N ASP B 28 22.18 -7.73 -7.79
CA ASP B 28 23.19 -7.35 -6.81
C ASP B 28 23.99 -8.55 -6.35
N LYS B 29 23.29 -9.63 -5.98
CA LYS B 29 24.01 -10.79 -5.48
C LYS B 29 24.83 -11.43 -6.58
N ILE B 30 24.35 -11.36 -7.82
CA ILE B 30 25.15 -11.83 -8.94
C ILE B 30 26.42 -11.01 -9.04
N ARG B 31 26.31 -9.69 -8.87
CA ARG B 31 27.48 -8.85 -9.02
C ARG B 31 28.46 -9.04 -7.86
N GLN B 32 27.94 -9.37 -6.67
CA GLN B 32 28.83 -9.67 -5.54
C GLN B 32 29.62 -10.95 -5.80
N LYS B 33 29.01 -11.93 -6.45
CA LYS B 33 29.66 -13.21 -6.72
C LYS B 33 30.32 -13.25 -8.09
N ARG B 34 30.33 -12.11 -8.80
CA ARG B 34 30.89 -11.98 -10.14
C ARG B 34 30.49 -13.16 -11.04
N LEU B 35 29.20 -13.48 -11.04
CA LEU B 35 28.70 -14.49 -11.96
C LEU B 35 28.22 -13.85 -13.26
N ASN B 36 28.33 -14.60 -14.35
CA ASN B 36 27.92 -14.13 -15.66
C ASN B 36 26.49 -14.59 -15.95
N ILE B 37 25.57 -13.99 -15.20
CA ILE B 37 24.14 -14.25 -15.32
C ILE B 37 23.42 -12.92 -15.39
N GLN B 38 22.55 -12.76 -16.38
CA GLN B 38 21.72 -11.56 -16.41
C GLN B 38 20.28 -11.93 -16.04
N VAL B 39 19.57 -10.93 -15.52
CA VAL B 39 18.26 -11.16 -14.96
C VAL B 39 17.33 -10.04 -15.39
N ARG B 40 16.08 -10.40 -15.70
CA ARG B 40 15.00 -9.43 -15.92
C ARG B 40 13.77 -9.93 -15.21
N SER B 41 12.72 -9.12 -15.28
CA SER B 41 11.45 -9.40 -14.64
C SER B 41 10.33 -9.01 -15.59
N ALA B 42 9.15 -9.58 -15.34
CA ALA B 42 7.98 -9.34 -16.19
C ALA B 42 6.74 -9.76 -15.42
N GLY B 43 5.58 -9.29 -15.89
CA GLY B 43 4.30 -9.61 -15.30
C GLY B 43 3.47 -10.45 -16.26
N THR B 44 2.58 -11.27 -15.70
CA THR B 44 1.68 -12.03 -16.58
C THR B 44 0.62 -11.12 -17.20
N LEU B 45 0.24 -10.04 -16.53
CA LEU B 45 -0.89 -9.22 -16.95
C LEU B 45 -0.44 -7.84 -17.37
N LYS B 46 -0.97 -7.37 -18.51
CA LYS B 46 -0.70 -6.03 -19.03
C LYS B 46 -1.25 -4.98 -18.07
N THR B 47 -0.36 -4.28 -17.38
CA THR B 47 -0.78 -3.14 -16.55
C THR B 47 -0.57 -1.85 -17.32
N GLY B 48 -1.17 -0.79 -16.82
CA GLY B 48 -0.96 0.46 -17.49
C GLY B 48 0.30 1.18 -17.07
N LYS B 49 1.02 0.62 -16.10
CA LYS B 49 2.07 1.35 -15.43
C LYS B 49 3.37 1.29 -16.22
N THR B 50 4.21 2.28 -15.99
CA THR B 50 5.51 2.39 -16.66
C THR B 50 6.66 1.89 -15.79
N MET B 51 6.64 2.23 -14.50
CA MET B 51 7.66 1.98 -13.50
C MET B 51 7.09 1.13 -12.37
N PRO B 52 7.94 0.40 -11.65
CA PRO B 52 7.47 -0.39 -10.51
C PRO B 52 6.95 0.49 -9.38
N ASP B 53 6.31 -0.17 -8.40
CA ASP B 53 5.67 0.54 -7.28
C ASP B 53 6.73 1.23 -6.42
N ASP B 54 6.45 2.49 -6.06
CA ASP B 54 7.34 3.26 -5.19
C ASP B 54 7.57 2.54 -3.86
N LYS B 55 6.55 1.86 -3.32
CA LYS B 55 6.75 1.24 -2.02
C LYS B 55 7.63 0.01 -2.13
N ALA B 56 7.62 -0.67 -3.28
CA ALA B 56 8.61 -1.71 -3.51
C ALA B 56 10.01 -1.12 -3.52
N LEU B 57 10.17 0.02 -4.17
CA LEU B 57 11.51 0.58 -4.30
C LEU B 57 12.05 1.06 -2.95
N GLN B 58 11.19 1.63 -2.12
CA GLN B 58 11.65 2.13 -0.83
C GLN B 58 12.05 0.99 0.09
N ALA B 59 11.31 -0.13 0.05
CA ALA B 59 11.71 -1.27 0.86
C ALA B 59 13.08 -1.80 0.42
N LEU B 60 13.37 -1.79 -0.89
CA LEU B 60 14.70 -2.19 -1.33
C LEU B 60 15.77 -1.25 -0.79
N GLN B 61 15.51 0.06 -0.82
CA GLN B 61 16.46 1.01 -0.27
C GLN B 61 16.66 0.77 1.22
N ASP B 62 15.59 0.50 1.97
CA ASP B 62 15.72 0.30 3.40
C ASP B 62 16.71 -0.81 3.70
N TYR B 63 16.81 -1.82 2.82
CA TYR B 63 17.71 -2.95 3.03
C TYR B 63 19.03 -2.79 2.28
N GLY B 64 19.35 -1.58 1.83
CA GLY B 64 20.64 -1.31 1.22
C GLY B 64 20.78 -1.63 -0.25
N TYR B 65 19.71 -1.98 -0.94
CA TYR B 65 19.76 -2.15 -2.39
C TYR B 65 19.51 -0.83 -3.12
N HIS B 66 20.20 -0.66 -4.25
CA HIS B 66 19.99 0.50 -5.09
C HIS B 66 19.00 0.17 -6.18
N PRO B 67 17.78 0.67 -6.12
CA PRO B 67 16.77 0.28 -7.12
C PRO B 67 16.91 1.07 -8.43
N MET B 68 17.82 0.63 -9.30
CA MET B 68 17.85 1.16 -10.66
C MET B 68 17.06 0.17 -11.51
N VAL B 69 15.98 0.61 -12.12
CA VAL B 69 14.86 -0.27 -12.46
C VAL B 69 14.53 -0.19 -13.95
N ASN B 70 14.27 -1.35 -14.52
CA ASN B 70 13.75 -1.39 -15.86
C ASN B 70 12.26 -1.07 -15.90
N PRO B 71 11.78 -0.58 -17.04
CA PRO B 71 10.33 -0.40 -17.22
C PRO B 71 9.60 -1.71 -17.01
N VAL B 72 8.36 -1.57 -16.52
CA VAL B 72 7.42 -2.68 -16.45
C VAL B 72 7.24 -3.33 -17.82
N GLN B 73 7.19 -4.66 -17.85
CA GLN B 73 6.90 -5.33 -19.11
C GLN B 73 6.13 -6.62 -18.87
N GLN B 74 5.31 -6.99 -19.83
CA GLN B 74 4.61 -8.27 -19.77
C GLN B 74 5.44 -9.36 -20.43
N VAL B 75 5.28 -10.59 -19.94
CA VAL B 75 5.97 -11.73 -20.53
C VAL B 75 5.51 -11.91 -21.98
N THR B 76 6.45 -12.37 -22.82
CA THR B 76 6.24 -12.62 -24.24
C THR B 76 6.58 -14.07 -24.57
N GLN B 77 6.29 -14.47 -25.82
CA GLN B 77 6.63 -15.82 -26.24
C GLN B 77 8.14 -16.02 -26.37
N GLN B 78 8.84 -14.99 -26.86
CA GLN B 78 10.30 -15.05 -26.97
C GLN B 78 10.97 -15.25 -25.62
N ASP B 79 10.33 -14.81 -24.53
CA ASP B 79 10.89 -14.99 -23.20
C ASP B 79 11.08 -16.47 -22.87
N PHE B 80 10.12 -17.32 -23.28
CA PHE B 80 10.24 -18.76 -23.02
C PHE B 80 11.39 -19.40 -23.80
N ILE B 81 11.77 -18.82 -24.94
CA ILE B 81 12.89 -19.34 -25.71
C ILE B 81 14.20 -18.71 -25.26
N GLU B 82 14.22 -17.38 -25.11
CA GLU B 82 15.48 -16.68 -24.91
C GLU B 82 16.05 -16.91 -23.51
N HIS B 83 15.20 -17.16 -22.52
CA HIS B 83 15.63 -17.24 -21.13
C HIS B 83 15.92 -18.68 -20.73
N ASP B 84 16.93 -18.84 -19.88
CA ASP B 84 17.32 -20.19 -19.46
C ASP B 84 16.45 -20.71 -18.31
N PHE B 85 16.17 -19.88 -17.30
CA PHE B 85 15.16 -20.26 -16.31
C PHE B 85 14.27 -19.08 -15.97
N ILE B 86 13.05 -19.42 -15.57
CA ILE B 86 11.98 -18.45 -15.39
C ILE B 86 11.30 -18.81 -14.07
N TYR B 87 11.28 -17.87 -13.12
CA TYR B 87 10.78 -18.11 -11.78
C TYR B 87 9.48 -17.35 -11.51
N ALA B 88 8.50 -18.07 -10.97
CA ALA B 88 7.19 -17.55 -10.61
C ALA B 88 7.12 -17.28 -9.11
N MET B 89 6.50 -16.14 -8.73
CA MET B 89 6.40 -15.72 -7.34
C MET B 89 5.37 -16.50 -6.54
N ASP B 90 4.28 -16.92 -7.17
CA ASP B 90 3.27 -17.68 -6.46
C ASP B 90 2.69 -18.68 -7.44
N ARG B 91 1.84 -19.56 -6.92
CA ARG B 91 1.34 -20.65 -7.75
C ARG B 91 0.49 -20.14 -8.91
N THR B 92 -0.32 -19.11 -8.64
CA THR B 92 -1.12 -18.51 -9.70
C THR B 92 -0.24 -18.02 -10.85
N ASN B 93 0.92 -17.45 -10.52
CA ASN B 93 1.85 -17.04 -11.57
C ASN B 93 2.39 -18.26 -12.33
N LEU B 94 2.78 -19.29 -11.60
CA LEU B 94 3.32 -20.49 -12.23
C LEU B 94 2.31 -21.14 -13.16
N ALA B 95 1.03 -21.09 -12.78
CA ALA B 95 -0.01 -21.69 -13.61
C ALA B 95 -0.20 -20.91 -14.91
N ASP B 96 -0.26 -19.58 -14.82
CA ASP B 96 -0.51 -18.79 -16.02
C ASP B 96 0.65 -18.87 -17.02
N LEU B 97 1.89 -19.01 -16.54
CA LEU B 97 2.99 -19.20 -17.47
C LEU B 97 2.92 -20.58 -18.12
N LEU B 98 2.68 -21.61 -17.30
CA LEU B 98 2.51 -22.96 -17.85
C LEU B 98 1.36 -23.00 -18.86
N ASP B 99 0.32 -22.22 -18.58
CA ASP B 99 -0.85 -22.13 -19.46
C ASP B 99 -0.45 -21.72 -20.87
N ILE B 100 0.60 -20.92 -21.01
CA ILE B 100 1.00 -20.34 -22.28
C ILE B 100 2.41 -20.70 -22.68
N CYS B 101 3.06 -21.61 -21.94
CA CYS B 101 4.43 -22.00 -22.25
C CYS B 101 4.45 -23.19 -23.20
N PRO B 102 5.07 -23.08 -24.37
CA PRO B 102 5.20 -24.24 -25.24
C PRO B 102 6.01 -25.34 -24.58
N ALA B 103 5.65 -26.59 -24.90
CA ALA B 103 6.12 -27.77 -24.15
C ALA B 103 7.63 -27.92 -24.17
N GLU B 104 8.29 -27.39 -25.21
CA GLU B 104 9.74 -27.42 -25.33
C GLU B 104 10.45 -26.69 -24.19
N HIS B 105 9.79 -25.76 -23.51
CA HIS B 105 10.41 -24.92 -22.48
C HIS B 105 9.76 -25.02 -21.10
N LYS B 106 8.75 -25.87 -20.93
CA LYS B 106 8.01 -25.88 -19.68
C LYS B 106 8.84 -26.39 -18.51
N ASN B 107 9.93 -27.11 -18.78
CA ASN B 107 10.84 -27.52 -17.71
C ASN B 107 11.61 -26.34 -17.14
N LYS B 108 11.62 -25.19 -17.81
CA LYS B 108 12.30 -24.01 -17.30
C LYS B 108 11.47 -23.24 -16.29
N LEU B 109 10.25 -23.69 -15.99
CA LEU B 109 9.33 -22.98 -15.11
C LEU B 109 9.42 -23.55 -13.70
N ALA B 110 9.45 -22.67 -12.70
CA ALA B 110 9.53 -23.09 -11.32
C ALA B 110 9.14 -21.91 -10.42
N LEU B 111 8.78 -22.23 -9.17
CA LEU B 111 8.47 -21.21 -8.19
C LEU B 111 9.75 -20.58 -7.65
N PHE B 112 9.69 -19.26 -7.43
CA PHE B 112 10.87 -18.50 -7.00
C PHE B 112 11.46 -19.07 -5.71
N LEU B 113 10.61 -19.51 -4.79
CA LEU B 113 11.08 -20.01 -3.49
C LEU B 113 11.51 -21.48 -3.53
N SER B 114 11.63 -22.10 -4.71
CA SER B 114 11.82 -23.54 -4.77
C SER B 114 13.18 -24.01 -4.25
N LYS B 115 14.21 -23.17 -4.22
CA LYS B 115 15.50 -23.63 -3.72
C LYS B 115 15.79 -23.20 -2.28
N ALA B 116 14.94 -22.37 -1.69
CA ALA B 116 15.07 -21.98 -0.29
C ALA B 116 14.46 -23.04 0.59
N ASN B 117 15.23 -23.53 1.57
CA ASN B 117 14.77 -24.64 2.40
C ASN B 117 13.79 -24.13 3.47
N ARG B 118 12.68 -23.54 3.02
CA ARG B 118 11.81 -22.85 3.97
C ARG B 118 10.38 -23.36 3.87
N GLN B 119 9.54 -23.11 4.90
CA GLN B 119 8.18 -23.60 4.75
C GLN B 119 7.50 -22.86 3.60
N GLU B 120 7.67 -21.54 3.54
CA GLU B 120 6.95 -20.76 2.54
C GLU B 120 7.33 -21.23 1.15
N LYS B 121 6.32 -21.55 0.34
CA LYS B 121 6.58 -21.89 -1.06
C LYS B 121 6.22 -20.80 -2.04
N GLU B 122 5.31 -19.89 -1.69
CA GLU B 122 4.94 -18.75 -2.53
C GLU B 122 5.21 -17.47 -1.77
N VAL B 123 5.68 -16.43 -2.44
CA VAL B 123 5.78 -15.09 -1.84
C VAL B 123 4.43 -14.40 -2.05
N PRO B 124 3.70 -14.10 -1.00
CA PRO B 124 2.36 -13.53 -1.18
C PRO B 124 2.38 -12.09 -1.68
N ASP B 125 1.32 -11.73 -2.39
CA ASP B 125 1.15 -10.43 -3.05
C ASP B 125 0.95 -9.31 -2.05
N PRO B 126 1.86 -8.33 -1.92
CA PRO B 126 1.73 -7.30 -0.90
C PRO B 126 0.53 -6.41 -1.21
N TYR B 127 0.21 -6.27 -2.48
CA TYR B 127 -0.90 -5.43 -2.94
C TYR B 127 -2.25 -5.97 -2.45
N ARG B 128 -2.47 -7.28 -2.48
CA ARG B 128 -3.74 -7.82 -1.96
C ARG B 128 -3.75 -7.59 -0.44
N ARG B 129 -2.63 -7.87 0.22
CA ARG B 129 -2.59 -7.58 1.65
C ARG B 129 -2.91 -6.10 1.91
N SER B 130 -2.32 -5.21 1.11
CA SER B 130 -2.60 -3.79 1.28
C SER B 130 -4.09 -3.54 1.21
N SER B 131 -4.75 -4.03 0.17
CA SER B 131 -6.17 -3.80 -0.02
C SER B 131 -6.98 -4.31 1.15
N GLU B 132 -6.65 -5.51 1.65
CA GLU B 132 -7.35 -6.01 2.83
C GLU B 132 -7.26 -5.04 3.98
N PHE B 133 -6.10 -4.41 4.19
CA PHE B 133 -6.04 -3.60 5.37
C PHE B 133 -6.80 -2.28 5.18
N PHE B 134 -6.80 -1.71 3.96
CA PHE B 134 -7.55 -0.50 3.70
C PHE B 134 -9.05 -0.73 3.88
N GLN B 135 -9.51 -1.92 3.47
CA GLN B 135 -10.93 -2.31 3.60
C GLN B 135 -11.26 -2.43 5.10
N ARG B 136 -10.30 -2.91 5.89
CA ARG B 136 -10.50 -3.07 7.37
C ARG B 136 -10.57 -1.67 7.99
N THR B 137 -9.74 -0.74 7.51
CA THR B 137 -9.72 0.65 8.02
C THR B 137 -11.10 1.28 7.76
N ALA B 138 -11.61 1.13 6.54
CA ALA B 138 -12.92 1.66 6.18
C ALA B 138 -13.97 1.23 7.19
N LEU B 139 -14.00 -0.06 7.54
CA LEU B 139 -15.03 -0.54 8.47
C LEU B 139 -14.87 0.10 9.84
N LEU B 140 -13.64 0.18 10.35
CA LEU B 140 -13.44 0.84 11.64
C LEU B 140 -13.84 2.30 11.57
N ILE B 141 -13.48 3.00 10.48
CA ILE B 141 -13.88 4.39 10.38
C ILE B 141 -15.40 4.52 10.32
N GLU B 142 -16.05 3.62 9.59
CA GLU B 142 -17.50 3.66 9.48
C GLU B 142 -18.14 3.57 10.86
N SER B 143 -17.68 2.61 11.67
CA SER B 143 -18.17 2.46 13.03
C SER B 143 -17.96 3.75 13.83
N GLY B 144 -16.79 4.36 13.71
CA GLY B 144 -16.57 5.63 14.37
C GLY B 144 -17.48 6.74 13.88
N ALA B 145 -17.65 6.83 12.54
CA ALA B 145 -18.45 7.90 11.98
C ALA B 145 -19.89 7.87 12.52
N VAL B 146 -20.50 6.66 12.57
CA VAL B 146 -21.90 6.54 13.01
C VAL B 146 -22.03 7.06 14.44
N ALA B 147 -21.08 6.72 15.30
CA ALA B 147 -21.14 7.20 16.68
C ALA B 147 -21.01 8.72 16.75
N LEU B 148 -20.06 9.30 15.98
CA LEU B 148 -19.93 10.75 15.98
C LEU B 148 -21.24 11.42 15.55
N VAL B 149 -21.87 10.90 14.50
CA VAL B 149 -23.10 11.49 14.01
C VAL B 149 -24.19 11.42 15.08
N ASP B 150 -24.21 10.34 15.85
CA ASP B 150 -25.16 10.25 16.96
C ASP B 150 -24.87 11.32 18.00
N SER B 151 -23.61 11.39 18.46
CA SER B 151 -23.23 12.35 19.49
C SER B 151 -23.54 13.78 19.07
N TRP B 152 -23.38 14.09 17.77
CA TRP B 152 -23.63 15.43 17.29
C TRP B 152 -25.10 15.81 17.41
N GLN B 153 -25.99 14.84 17.21
CA GLN B 153 -27.38 15.28 17.37
C GLN B 153 -27.77 15.41 18.82
N GLU B 154 -26.81 15.21 19.73
CA GLU B 154 -27.01 15.35 21.18
C GLU B 154 -26.05 16.38 21.76
C1 GOL C . 3.04 -6.54 -8.41
O1 GOL C . 2.40 -6.48 -9.67
C2 GOL C . 3.02 -8.01 -7.88
O2 GOL C . 3.82 -8.21 -6.74
C3 GOL C . 1.53 -8.35 -7.64
O3 GOL C . 1.31 -9.43 -8.45
C1 GOL D . 12.17 -7.53 -23.88
O1 GOL D . 13.22 -8.45 -23.86
C2 GOL D . 10.85 -8.33 -23.78
O2 GOL D . 10.78 -9.05 -22.59
C3 GOL D . 9.72 -7.27 -23.87
O3 GOL D . 8.99 -7.41 -22.70
#